data_2PAM
#
_entry.id   2PAM
#
_cell.length_a   61.4
_cell.length_b   61.4
_cell.length_c   201.5
_cell.angle_alpha   90
_cell.angle_beta   90
_cell.angle_gamma   90
#
_symmetry.space_group_name_H-M   'P 41 21 2'
#
loop_
_entity.id
_entity.type
_entity.pdbx_description
1 polymer 'DTDP-6-deoxy-3,4-keto-hexulose isomerase'
2 non-polymer "THYMIDINE-5'-DIPHOSPHATE"
3 water water
#
_entity_poly.entity_id   1
_entity_poly.type   'polypeptide(L)'
_entity_poly.pdbx_seq_one_letter_code
;GHMENKVINFKKIIDSRGSLVAIEENKNIPFSIKRVYYIFDTKGEEPRGFNANKKLEQVLVCLNGSCRVILDDGNIIQEI
TLDSPAVGLYVGPAVWHEMHDFSSDCVMMVLASDYYDETDYIRQYDNFKKYIAKINLEKEG
;
_entity_poly.pdbx_strand_id   A,B
#
loop_
_chem_comp.id
_chem_comp.type
_chem_comp.name
_chem_comp.formula
TYD non-polymer THYMIDINE-5'-DIPHOSPHATE 'C10 H16 N2 O11 P2'
#
# COMPACT_ATOMS: atom_id res chain seq x y z
N GLU A 4 13.69 -16.70 1.21
CA GLU A 4 14.12 -17.52 0.09
C GLU A 4 13.00 -17.77 -0.91
N ASN A 5 11.91 -18.33 -0.39
CA ASN A 5 10.76 -18.62 -1.21
C ASN A 5 9.65 -17.70 -0.75
N LYS A 6 9.76 -17.32 0.53
CA LYS A 6 8.81 -16.46 1.21
C LYS A 6 9.23 -14.99 1.38
N VAL A 7 10.51 -14.75 1.72
CA VAL A 7 11.04 -13.42 1.91
C VAL A 7 11.29 -12.69 0.62
N ILE A 8 10.82 -11.45 0.58
CA ILE A 8 10.98 -10.65 -0.60
C ILE A 8 11.75 -9.37 -0.39
N ASN A 9 12.81 -9.28 -1.18
CA ASN A 9 13.69 -8.14 -1.18
C ASN A 9 13.34 -7.26 -2.36
N PHE A 10 12.68 -6.16 -2.07
CA PHE A 10 12.29 -5.25 -3.11
C PHE A 10 13.45 -4.32 -3.40
N LYS A 11 13.58 -3.89 -4.66
CA LYS A 11 14.64 -2.97 -5.02
C LYS A 11 14.26 -1.58 -4.50
N LYS A 12 15.12 -1.02 -3.66
CA LYS A 12 14.91 0.27 -3.07
C LYS A 12 15.78 1.32 -3.73
N ILE A 13 15.27 2.54 -3.83
CA ILE A 13 15.99 3.65 -4.43
C ILE A 13 16.26 4.74 -3.44
N ILE A 14 17.50 5.23 -3.42
CA ILE A 14 17.85 6.27 -2.49
C ILE A 14 18.53 7.48 -3.12
N ASP A 15 18.07 8.66 -2.71
CA ASP A 15 18.57 9.95 -3.16
C ASP A 15 18.58 10.93 -1.99
N SER A 16 19.09 12.11 -2.25
CA SER A 16 19.22 13.16 -1.25
C SER A 16 17.94 13.43 -0.51
N ARG A 17 16.83 13.14 -1.20
CA ARG A 17 15.46 13.33 -0.74
C ARG A 17 14.88 12.22 0.15
N GLY A 18 15.26 10.97 -0.11
CA GLY A 18 14.73 9.86 0.69
C GLY A 18 14.76 8.50 -0.01
N SER A 19 13.86 7.59 0.39
CA SER A 19 13.78 6.27 -0.20
C SER A 19 12.49 6.06 -0.91
N LEU A 20 12.48 5.05 -1.76
CA LEU A 20 11.30 4.76 -2.51
C LEU A 20 11.35 3.35 -2.97
N VAL A 21 10.20 2.72 -2.83
CA VAL A 21 10.05 1.37 -3.25
C VAL A 21 8.79 1.25 -4.06
N ALA A 22 8.89 0.52 -5.15
CA ALA A 22 7.75 0.31 -6.01
C ALA A 22 7.54 -1.17 -6.18
N ILE A 23 6.32 -1.58 -6.04
CA ILE A 23 5.96 -2.96 -6.22
C ILE A 23 5.06 -2.95 -7.45
N GLU A 24 5.31 -3.83 -8.39
CA GLU A 24 4.50 -3.86 -9.59
C GLU A 24 3.82 -5.21 -9.76
N GLU A 25 2.49 -5.24 -9.73
CA GLU A 25 1.70 -6.48 -9.86
C GLU A 25 2.23 -7.51 -10.86
N ASN A 26 2.63 -8.66 -10.36
CA ASN A 26 3.14 -9.72 -11.23
C ASN A 26 4.48 -9.40 -11.84
N LYS A 27 5.18 -8.46 -11.21
CA LYS A 27 6.50 -8.07 -11.63
C LYS A 27 7.35 -8.38 -10.43
N ASN A 28 7.17 -7.69 -9.32
CA ASN A 28 7.99 -8.13 -8.20
C ASN A 28 7.18 -8.84 -7.16
N ILE A 29 5.96 -9.22 -7.55
CA ILE A 29 5.06 -9.96 -6.68
C ILE A 29 4.26 -10.94 -7.53
N PRO A 30 4.33 -12.20 -7.14
CA PRO A 30 3.72 -13.33 -7.81
C PRO A 30 2.23 -13.28 -8.06
N PHE A 31 1.62 -12.14 -7.98
CA PHE A 31 0.21 -12.18 -8.25
C PHE A 31 -0.34 -10.85 -8.67
N SER A 32 -1.64 -10.83 -8.95
CA SER A 32 -2.30 -9.61 -9.34
C SER A 32 -2.92 -8.96 -8.10
N ILE A 33 -2.73 -7.64 -7.98
CA ILE A 33 -3.22 -6.86 -6.86
C ILE A 33 -4.64 -6.42 -7.11
N LYS A 34 -5.51 -6.75 -6.16
CA LYS A 34 -6.91 -6.39 -6.26
C LYS A 34 -7.33 -5.53 -5.07
N ARG A 35 -6.61 -5.75 -3.97
CA ARG A 35 -6.86 -5.04 -2.73
C ARG A 35 -5.59 -4.62 -2.02
N VAL A 36 -5.68 -3.52 -1.30
CA VAL A 36 -4.52 -3.08 -0.54
C VAL A 36 -4.96 -2.65 0.84
N TYR A 37 -4.58 -3.41 1.85
CA TYR A 37 -4.98 -3.01 3.19
C TYR A 37 -3.79 -2.74 4.08
N TYR A 38 -4.08 -1.91 5.08
CA TYR A 38 -3.06 -1.56 6.01
C TYR A 38 -3.62 -1.35 7.38
N ILE A 39 -2.73 -1.62 8.35
CA ILE A 39 -3.01 -1.51 9.77
C ILE A 39 -2.19 -0.44 10.45
N PHE A 40 -2.85 0.41 11.20
CA PHE A 40 -2.16 1.46 11.89
C PHE A 40 -2.81 1.84 13.19
N ASP A 41 -2.15 2.77 13.87
CA ASP A 41 -2.57 3.29 15.16
C ASP A 41 -2.81 2.17 16.15
N THR A 42 -1.91 1.20 16.08
CA THR A 42 -1.97 0.04 16.94
C THR A 42 -1.64 0.33 18.38
N LYS A 43 -2.08 -0.61 19.20
CA LYS A 43 -1.90 -0.58 20.63
C LYS A 43 -2.32 -1.91 21.19
N GLY A 44 -1.93 -2.24 22.43
CA GLY A 44 -2.36 -3.50 23.04
C GLY A 44 -1.39 -4.68 22.92
N GLU A 45 -1.63 -5.69 23.76
CA GLU A 45 -0.81 -6.89 23.83
C GLU A 45 -1.40 -8.12 23.19
N GLU A 46 -2.49 -7.92 22.47
CA GLU A 46 -3.16 -9.00 21.80
C GLU A 46 -2.91 -8.90 20.33
N PRO A 47 -2.35 -9.98 19.80
CA PRO A 47 -1.94 -10.15 18.43
C PRO A 47 -3.04 -10.00 17.42
N ARG A 48 -2.65 -10.18 16.18
CA ARG A 48 -3.54 -10.08 15.06
C ARG A 48 -3.29 -11.26 14.14
N GLY A 49 -4.24 -11.54 13.25
CA GLY A 49 -4.10 -12.67 12.35
C GLY A 49 -4.72 -13.97 12.88
N PHE A 50 -3.84 -14.99 13.05
CA PHE A 50 -4.20 -16.31 13.52
C PHE A 50 -5.27 -16.88 12.65
N ASN A 51 -4.89 -17.06 11.41
CA ASN A 51 -5.80 -17.59 10.45
C ASN A 51 -5.02 -17.89 9.23
N ALA A 52 -5.72 -18.45 8.27
CA ALA A 52 -5.15 -18.84 7.00
C ALA A 52 -6.16 -18.65 5.94
N ASN A 53 -5.74 -18.73 4.69
CA ASN A 53 -6.68 -18.54 3.62
C ASN A 53 -6.66 -19.65 2.60
N LYS A 54 -7.83 -19.96 2.09
CA LYS A 54 -7.94 -21.01 1.10
C LYS A 54 -7.36 -20.65 -0.26
N LYS A 55 -7.84 -19.53 -0.82
CA LYS A 55 -7.37 -19.08 -2.12
C LYS A 55 -6.36 -17.92 -2.17
N LEU A 56 -6.67 -16.86 -1.45
CA LEU A 56 -5.88 -15.64 -1.38
C LEU A 56 -4.38 -15.78 -1.25
N GLU A 57 -3.67 -14.91 -1.98
CA GLU A 57 -2.23 -14.86 -1.89
C GLU A 57 -1.93 -13.45 -1.42
N GLN A 58 -1.02 -13.30 -0.44
CA GLN A 58 -0.71 -11.98 0.08
C GLN A 58 0.76 -11.79 0.24
N VAL A 59 1.07 -10.52 0.52
CA VAL A 59 2.41 -10.03 0.74
C VAL A 59 2.40 -8.94 1.79
N LEU A 60 3.02 -9.26 2.90
CA LEU A 60 3.12 -8.36 4.02
C LEU A 60 4.33 -7.45 4.00
N VAL A 61 4.10 -6.18 4.33
CA VAL A 61 5.16 -5.19 4.37
C VAL A 61 5.10 -4.19 5.54
N CYS A 62 6.16 -4.14 6.38
CA CYS A 62 6.20 -3.20 7.49
C CYS A 62 6.69 -1.85 6.98
N LEU A 63 5.74 -0.97 6.69
CA LEU A 63 6.10 0.35 6.19
C LEU A 63 6.71 1.21 7.29
N ASN A 64 6.38 0.96 8.54
CA ASN A 64 6.97 1.81 9.57
C ASN A 64 7.03 1.01 10.84
N GLY A 65 8.05 1.30 11.64
CA GLY A 65 8.22 0.58 12.88
C GLY A 65 8.55 -0.88 12.59
N SER A 66 7.96 -1.78 13.40
CA SER A 66 8.15 -3.21 13.27
C SER A 66 7.00 -4.07 13.76
N CYS A 67 7.10 -5.31 13.32
CA CYS A 67 6.14 -6.33 13.60
C CYS A 67 6.78 -7.71 13.46
N ARG A 68 6.42 -8.61 14.39
CA ARG A 68 6.91 -9.97 14.37
C ARG A 68 5.78 -10.82 13.82
N VAL A 69 6.08 -11.62 12.80
CA VAL A 69 5.09 -12.44 12.14
C VAL A 69 5.37 -13.91 12.11
N ILE A 70 4.41 -14.76 12.48
CA ILE A 70 4.67 -16.18 12.40
C ILE A 70 4.01 -16.79 11.19
N LEU A 71 4.61 -17.89 10.73
CA LEU A 71 4.15 -18.61 9.56
C LEU A 71 4.14 -20.12 9.75
N ASP A 72 3.13 -20.74 9.20
CA ASP A 72 3.00 -22.17 9.32
C ASP A 72 2.21 -22.71 8.16
N ASP A 73 2.87 -23.53 7.35
CA ASP A 73 2.19 -24.12 6.23
C ASP A 73 1.72 -25.46 6.62
N GLY A 74 1.69 -25.67 7.95
CA GLY A 74 1.28 -26.94 8.54
C GLY A 74 2.52 -27.72 8.90
N ASN A 75 3.40 -27.77 7.92
CA ASN A 75 4.69 -28.40 7.98
C ASN A 75 5.54 -27.63 8.96
N ILE A 76 6.46 -26.81 8.44
CA ILE A 76 7.29 -26.04 9.33
C ILE A 76 6.66 -24.71 9.70
N ILE A 77 7.26 -24.13 10.71
CA ILE A 77 6.86 -22.85 11.23
C ILE A 77 8.02 -21.89 11.03
N GLN A 78 7.73 -20.67 10.61
CA GLN A 78 8.78 -19.71 10.41
C GLN A 78 8.39 -18.42 11.09
N GLU A 79 9.41 -17.68 11.49
CA GLU A 79 9.21 -16.40 12.14
C GLU A 79 10.10 -15.37 11.52
N ILE A 80 9.58 -14.19 11.35
CA ILE A 80 10.31 -13.14 10.72
C ILE A 80 9.81 -11.81 11.15
N THR A 81 10.76 -11.03 11.58
CA THR A 81 10.47 -9.72 12.05
C THR A 81 10.62 -8.68 10.96
N LEU A 82 9.50 -8.14 10.53
CA LEU A 82 9.51 -7.13 9.50
C LEU A 82 9.80 -5.78 10.11
N ASP A 83 10.79 -5.11 9.57
CA ASP A 83 11.17 -3.78 10.06
C ASP A 83 11.80 -2.88 9.00
N SER A 84 11.64 -3.24 7.71
CA SER A 84 12.17 -2.50 6.59
C SER A 84 11.18 -2.45 5.48
N PRO A 85 10.79 -1.26 5.16
CA PRO A 85 9.83 -1.12 4.10
C PRO A 85 10.25 -1.87 2.85
N ALA A 86 11.54 -2.06 2.67
CA ALA A 86 12.02 -2.75 1.48
C ALA A 86 11.83 -4.24 1.45
N VAL A 87 11.25 -4.77 2.51
CA VAL A 87 11.04 -6.20 2.59
C VAL A 87 9.59 -6.59 2.66
N GLY A 88 9.25 -7.56 1.83
CA GLY A 88 7.91 -8.09 1.75
C GLY A 88 7.93 -9.55 2.14
N LEU A 89 6.84 -10.01 2.69
CA LEU A 89 6.77 -11.39 3.10
C LEU A 89 5.65 -12.07 2.36
N TYR A 90 5.97 -13.16 1.69
CA TYR A 90 4.96 -13.83 0.95
C TYR A 90 4.21 -14.88 1.72
N VAL A 91 2.91 -14.64 1.80
CA VAL A 91 1.98 -15.52 2.46
C VAL A 91 1.04 -16.08 1.40
N GLY A 92 1.26 -17.35 1.12
CA GLY A 92 0.49 -18.06 0.14
C GLY A 92 -0.76 -18.66 0.72
N PRO A 93 -1.57 -19.18 -0.18
CA PRO A 93 -2.79 -19.77 0.25
C PRO A 93 -2.40 -20.96 1.06
N ALA A 94 -3.27 -21.29 1.98
CA ALA A 94 -3.00 -22.41 2.81
C ALA A 94 -1.85 -22.15 3.76
N VAL A 95 -1.69 -20.92 4.18
CA VAL A 95 -0.62 -20.62 5.11
C VAL A 95 -1.11 -19.84 6.30
N TRP A 96 -0.98 -20.45 7.46
CA TRP A 96 -1.39 -19.82 8.70
C TRP A 96 -0.51 -18.63 8.99
N HIS A 97 -1.11 -17.58 9.54
CA HIS A 97 -0.32 -16.40 9.88
C HIS A 97 -0.72 -15.68 11.14
N GLU A 98 0.28 -15.03 11.68
CA GLU A 98 0.14 -14.29 12.89
C GLU A 98 1.02 -13.07 12.87
N MET A 99 0.40 -12.00 13.37
CA MET A 99 1.04 -10.73 13.49
C MET A 99 1.20 -10.37 14.95
N HIS A 100 2.44 -10.42 15.38
CA HIS A 100 2.79 -10.10 16.74
C HIS A 100 3.70 -8.91 16.81
N ASP A 101 3.75 -8.40 18.04
CA ASP A 101 4.58 -7.29 18.50
C ASP A 101 4.60 -6.00 17.67
N PHE A 102 3.43 -5.42 17.45
CA PHE A 102 3.43 -4.19 16.68
C PHE A 102 4.03 -3.01 17.44
N SER A 103 5.10 -2.42 16.90
CA SER A 103 5.68 -1.28 17.57
C SER A 103 4.60 -0.23 17.54
N SER A 104 4.60 0.63 18.54
CA SER A 104 3.63 1.70 18.66
C SER A 104 3.42 2.49 17.38
N ASP A 105 4.50 2.61 16.60
CA ASP A 105 4.48 3.36 15.36
C ASP A 105 4.41 2.53 14.11
N CYS A 106 4.10 1.29 14.30
CA CYS A 106 4.02 0.40 13.19
C CYS A 106 2.87 0.64 12.26
N VAL A 107 3.20 0.51 11.00
CA VAL A 107 2.27 0.61 9.90
C VAL A 107 2.51 -0.67 9.15
N MET A 108 1.49 -1.45 9.03
CA MET A 108 1.67 -2.68 8.31
C MET A 108 0.76 -2.67 7.13
N MET A 109 1.31 -2.98 5.97
CA MET A 109 0.55 -3.01 4.73
C MET A 109 0.49 -4.43 4.16
N VAL A 110 -0.61 -4.74 3.44
CA VAL A 110 -0.77 -6.05 2.87
C VAL A 110 -1.27 -5.96 1.44
N LEU A 111 -0.57 -6.57 0.47
CA LEU A 111 -1.08 -6.51 -0.89
C LEU A 111 -1.83 -7.82 -1.12
N ALA A 112 -3.09 -7.71 -1.51
CA ALA A 112 -3.89 -8.91 -1.71
C ALA A 112 -4.34 -9.14 -3.13
N SER A 113 -4.41 -10.43 -3.45
CA SER A 113 -4.77 -10.95 -4.74
C SER A 113 -6.25 -10.85 -5.02
N ASP A 114 -7.03 -10.70 -3.97
CA ASP A 114 -8.46 -10.55 -4.16
C ASP A 114 -9.11 -9.72 -3.09
N TYR A 115 -10.41 -9.45 -3.31
CA TYR A 115 -11.19 -8.65 -2.39
C TYR A 115 -11.41 -9.39 -1.10
N TYR A 116 -11.80 -8.64 -0.09
CA TYR A 116 -12.07 -9.24 1.18
C TYR A 116 -13.21 -10.24 1.02
N ASP A 117 -13.13 -11.35 1.76
CA ASP A 117 -14.14 -12.39 1.66
C ASP A 117 -14.02 -13.38 2.80
N GLU A 118 -14.80 -13.14 3.86
CA GLU A 118 -14.84 -13.96 5.10
C GLU A 118 -14.93 -15.45 4.89
N THR A 119 -15.39 -15.88 3.74
CA THR A 119 -15.50 -17.29 3.47
C THR A 119 -14.22 -17.86 2.91
N ASP A 120 -13.12 -17.13 2.90
CA ASP A 120 -11.89 -17.70 2.34
C ASP A 120 -10.92 -18.07 3.45
N TYR A 121 -11.35 -17.65 4.60
CA TYR A 121 -10.69 -17.81 5.86
C TYR A 121 -10.78 -19.19 6.50
N ILE A 122 -9.72 -19.54 7.21
CA ILE A 122 -9.58 -20.72 8.01
C ILE A 122 -9.09 -20.09 9.30
N ARG A 123 -10.01 -19.85 10.22
CA ARG A 123 -9.70 -19.20 11.47
C ARG A 123 -9.51 -20.11 12.64
N GLN A 124 -9.69 -21.39 12.40
CA GLN A 124 -9.52 -22.36 13.47
C GLN A 124 -8.27 -23.22 13.19
N TYR A 125 -7.30 -23.21 14.10
CA TYR A 125 -6.09 -23.97 13.87
C TYR A 125 -6.35 -25.40 13.52
N ASP A 126 -7.19 -26.08 14.30
CA ASP A 126 -7.44 -27.48 13.96
C ASP A 126 -7.98 -27.66 12.56
N ASN A 127 -9.03 -26.91 12.20
CA ASN A 127 -9.54 -27.07 10.85
C ASN A 127 -8.41 -26.84 9.86
N PHE A 128 -7.63 -25.79 10.17
CA PHE A 128 -6.50 -25.46 9.34
C PHE A 128 -5.69 -26.72 9.18
N LYS A 129 -5.21 -27.26 10.32
CA LYS A 129 -4.43 -28.50 10.24
C LYS A 129 -5.15 -29.50 9.37
N LYS A 130 -6.42 -29.75 9.75
CA LYS A 130 -7.28 -30.68 9.05
C LYS A 130 -7.21 -30.40 7.58
N TYR A 131 -7.51 -29.14 7.29
CA TYR A 131 -7.51 -28.69 5.93
C TYR A 131 -6.26 -29.13 5.18
N ILE A 132 -5.17 -29.06 5.88
CA ILE A 132 -3.89 -29.42 5.32
C ILE A 132 -3.79 -30.90 4.96
N ALA A 133 -3.97 -31.72 5.98
CA ALA A 133 -3.92 -33.15 5.82
C ALA A 133 -4.77 -33.54 4.63
N LYS A 134 -6.03 -33.23 4.73
CA LYS A 134 -6.90 -33.54 3.63
C LYS A 134 -6.08 -33.35 2.37
N ILE A 135 -5.65 -32.12 2.20
CA ILE A 135 -4.86 -31.70 1.07
C ILE A 135 -3.74 -32.65 0.73
N ASN A 136 -2.95 -33.05 1.72
CA ASN A 136 -1.85 -33.95 1.43
C ASN A 136 -2.35 -35.16 0.64
N LEU A 137 -3.41 -35.76 1.18
CA LEU A 137 -4.02 -36.90 0.55
C LEU A 137 -4.19 -36.66 -0.96
N GLU A 138 -4.74 -35.50 -1.28
CA GLU A 138 -4.94 -35.15 -2.68
C GLU A 138 -3.68 -34.48 -3.21
N GLU B 4 -14.01 20.63 -8.01
CA GLU B 4 -14.06 19.23 -7.66
C GLU B 4 -13.21 18.90 -6.47
N ASN B 5 -13.76 18.04 -5.64
CA ASN B 5 -13.09 17.56 -4.47
C ASN B 5 -12.39 16.33 -4.99
N LYS B 6 -11.23 15.99 -4.48
CA LYS B 6 -10.57 14.80 -5.02
C LYS B 6 -10.26 13.76 -3.96
N VAL B 7 -10.62 14.16 -2.77
CA VAL B 7 -10.48 13.46 -1.53
C VAL B 7 -11.40 12.27 -1.43
N ILE B 8 -10.84 11.17 -0.98
CA ILE B 8 -11.57 9.97 -0.77
C ILE B 8 -11.40 9.67 0.69
N ASN B 9 -12.47 9.34 1.37
CA ASN B 9 -12.38 9.01 2.77
C ASN B 9 -12.76 7.56 2.91
N PHE B 10 -11.79 6.69 3.26
CA PHE B 10 -12.04 5.27 3.40
C PHE B 10 -12.64 4.88 4.74
N LYS B 11 -13.52 3.88 4.68
CA LYS B 11 -14.15 3.37 5.88
C LYS B 11 -13.06 2.80 6.74
N LYS B 12 -13.06 3.08 8.04
CA LYS B 12 -11.97 2.52 8.84
C LYS B 12 -12.40 1.71 10.05
N ILE B 13 -11.97 0.46 10.12
CA ILE B 13 -12.33 -0.40 11.25
C ILE B 13 -11.54 -0.09 12.52
N ILE B 14 -12.21 -0.25 13.67
CA ILE B 14 -11.53 0.03 14.91
C ILE B 14 -11.86 -0.87 16.05
N ASP B 15 -10.81 -1.25 16.75
CA ASP B 15 -10.96 -2.12 17.89
C ASP B 15 -9.78 -1.91 18.79
N SER B 16 -9.73 -2.69 19.84
CA SER B 16 -8.69 -2.61 20.81
C SER B 16 -7.31 -2.78 20.20
N ARG B 17 -7.27 -3.40 19.04
CA ARG B 17 -6.03 -3.67 18.36
C ARG B 17 -5.41 -2.48 17.61
N GLY B 18 -6.25 -1.66 17.04
CA GLY B 18 -5.84 -0.51 16.29
C GLY B 18 -6.82 -0.19 15.17
N SER B 19 -6.29 0.26 14.03
CA SER B 19 -7.12 0.60 12.92
C SER B 19 -6.74 -0.14 11.64
N LEU B 20 -7.72 -0.25 10.76
CA LEU B 20 -7.56 -0.91 9.49
C LEU B 20 -8.33 -0.21 8.42
N VAL B 21 -7.69 -0.16 7.28
CA VAL B 21 -8.30 0.44 6.14
C VAL B 21 -8.07 -0.48 4.98
N ALA B 22 -9.08 -0.66 4.16
CA ALA B 22 -8.94 -1.53 3.03
C ALA B 22 -9.42 -0.88 1.77
N ILE B 23 -8.49 -0.86 0.85
CA ILE B 23 -8.64 -0.30 -0.47
C ILE B 23 -8.75 -1.43 -1.45
N GLU B 24 -9.84 -1.39 -2.22
CA GLU B 24 -10.12 -2.38 -3.22
C GLU B 24 -10.32 -1.80 -4.60
N GLU B 25 -9.46 -2.28 -5.47
CA GLU B 25 -9.47 -1.89 -6.85
C GLU B 25 -10.89 -1.81 -7.38
N ASN B 26 -11.16 -0.81 -8.21
CA ASN B 26 -12.47 -0.64 -8.79
C ASN B 26 -13.61 -0.71 -7.83
N LYS B 27 -13.35 -0.79 -6.55
CA LYS B 27 -14.51 -0.80 -5.68
C LYS B 27 -14.55 0.55 -5.01
N ASN B 28 -13.52 0.84 -4.25
CA ASN B 28 -13.51 2.13 -3.59
C ASN B 28 -12.53 3.08 -4.18
N ILE B 29 -12.02 2.69 -5.33
CA ILE B 29 -11.09 3.51 -6.07
C ILE B 29 -11.37 3.23 -7.51
N PRO B 30 -11.70 4.31 -8.19
CA PRO B 30 -12.05 4.41 -9.60
C PRO B 30 -11.15 3.72 -10.61
N PHE B 31 -10.22 2.86 -10.18
CA PHE B 31 -9.34 2.16 -11.11
C PHE B 31 -8.76 0.89 -10.54
N SER B 32 -8.09 0.16 -11.45
CA SER B 32 -7.41 -1.12 -11.23
C SER B 32 -5.96 -0.86 -10.90
N ILE B 33 -5.54 -1.57 -9.88
CA ILE B 33 -4.21 -1.47 -9.37
C ILE B 33 -3.26 -2.40 -10.07
N LYS B 34 -2.17 -1.77 -10.48
CA LYS B 34 -1.10 -2.42 -11.15
C LYS B 34 0.20 -2.13 -10.47
N ARG B 35 0.21 -1.11 -9.64
CA ARG B 35 1.47 -0.84 -8.98
C ARG B 35 1.31 -0.10 -7.69
N VAL B 36 2.16 -0.45 -6.73
CA VAL B 36 2.11 0.22 -5.47
C VAL B 36 3.49 0.67 -5.17
N TYR B 37 3.59 1.94 -4.83
CA TYR B 37 4.88 2.49 -4.50
C TYR B 37 4.73 3.46 -3.34
N TYR B 38 5.80 3.59 -2.57
CA TYR B 38 5.82 4.46 -1.42
C TYR B 38 7.18 5.12 -1.18
N ILE B 39 7.13 6.25 -0.55
CA ILE B 39 8.33 7.00 -0.25
C ILE B 39 8.48 7.08 1.23
N PHE B 40 9.69 6.86 1.68
CA PHE B 40 9.97 6.88 3.08
C PHE B 40 11.39 7.37 3.37
N ASP B 41 11.75 7.42 4.64
CA ASP B 41 13.06 7.88 5.05
C ASP B 41 13.46 9.13 4.33
N THR B 42 12.49 10.00 4.27
CA THR B 42 12.61 11.28 3.64
C THR B 42 13.41 12.25 4.45
N LYS B 43 14.13 13.11 3.75
CA LYS B 43 14.95 14.11 4.40
C LYS B 43 15.08 15.33 3.52
N GLY B 44 15.67 16.39 4.05
CA GLY B 44 15.84 17.58 3.25
C GLY B 44 14.58 18.41 3.12
N GLU B 45 14.73 19.52 2.37
CA GLU B 45 13.69 20.51 2.12
C GLU B 45 13.26 20.60 0.66
N GLU B 46 13.42 19.53 -0.09
CA GLU B 46 13.01 19.59 -1.47
C GLU B 46 11.72 18.84 -1.65
N PRO B 47 10.76 19.45 -2.30
CA PRO B 47 9.50 18.78 -2.48
C PRO B 47 9.64 17.88 -3.67
N ARG B 48 8.52 17.46 -4.20
CA ARG B 48 8.57 16.61 -5.35
C ARG B 48 7.27 16.53 -6.06
N GLY B 49 7.29 15.69 -7.07
CA GLY B 49 6.11 15.54 -7.88
C GLY B 49 6.37 16.46 -9.07
N PHE B 50 5.59 17.52 -9.21
CA PHE B 50 5.80 18.44 -10.30
C PHE B 50 5.70 17.86 -11.70
N ASN B 51 4.57 17.25 -11.92
CA ASN B 51 4.34 16.70 -13.20
C ASN B 51 2.91 16.32 -13.22
N ALA B 52 2.47 15.94 -14.41
CA ALA B 52 1.13 15.48 -14.62
C ALA B 52 1.18 14.26 -15.53
N ASN B 53 0.19 13.39 -15.46
CA ASN B 53 0.25 12.22 -16.32
C ASN B 53 -0.92 12.18 -17.27
N LYS B 54 -0.61 11.85 -18.51
CA LYS B 54 -1.60 11.76 -19.55
C LYS B 54 -2.46 10.49 -19.47
N LYS B 55 -1.96 9.42 -18.89
CA LYS B 55 -2.76 8.21 -18.82
C LYS B 55 -2.87 7.60 -17.42
N LEU B 56 -1.95 7.93 -16.55
CA LEU B 56 -2.00 7.36 -15.22
C LEU B 56 -3.06 7.91 -14.27
N GLU B 57 -3.63 7.00 -13.48
CA GLU B 57 -4.63 7.34 -12.48
C GLU B 57 -4.04 6.91 -11.15
N GLN B 58 -3.96 7.84 -10.21
CA GLN B 58 -3.40 7.43 -8.94
C GLN B 58 -4.24 7.84 -7.78
N VAL B 59 -3.80 7.36 -6.64
CA VAL B 59 -4.43 7.69 -5.37
C VAL B 59 -3.30 7.83 -4.36
N LEU B 60 -3.21 8.96 -3.66
CA LEU B 60 -2.14 9.09 -2.70
C LEU B 60 -2.57 8.98 -1.25
N VAL B 61 -1.80 8.24 -0.47
CA VAL B 61 -2.12 8.06 0.93
C VAL B 61 -0.94 8.30 1.84
N CYS B 62 -1.14 9.15 2.84
CA CYS B 62 -0.11 9.46 3.81
C CYS B 62 -0.28 8.53 4.98
N LEU B 63 0.38 7.38 4.89
CA LEU B 63 0.31 6.34 5.93
C LEU B 63 0.92 6.71 7.26
N ASN B 64 1.80 7.70 7.29
CA ASN B 64 2.38 8.08 8.56
C ASN B 64 2.82 9.52 8.50
N GLY B 65 2.79 10.17 9.63
CA GLY B 65 3.20 11.56 9.63
C GLY B 65 2.28 12.32 8.73
N SER B 66 2.83 13.33 8.04
CA SER B 66 2.01 14.14 7.16
C SER B 66 2.78 14.75 6.00
N CYS B 67 1.99 15.24 5.06
CA CYS B 67 2.51 15.83 3.86
C CYS B 67 1.46 16.76 3.31
N ARG B 68 1.93 17.84 2.69
CA ARG B 68 1.11 18.86 2.08
C ARG B 68 1.21 18.76 0.58
N VAL B 69 0.04 18.49 0.00
CA VAL B 69 -0.20 18.27 -1.42
C VAL B 69 -0.90 19.38 -2.19
N ILE B 70 -0.43 19.58 -3.39
CA ILE B 70 -0.98 20.57 -4.28
C ILE B 70 -1.40 19.84 -5.53
N LEU B 71 -2.65 19.99 -5.89
CA LEU B 71 -3.19 19.35 -7.07
C LEU B 71 -3.83 20.34 -8.01
N ASP B 72 -3.33 20.38 -9.22
CA ASP B 72 -3.89 21.28 -10.19
C ASP B 72 -4.51 20.45 -11.30
N ASP B 73 -5.80 20.62 -11.46
CA ASP B 73 -6.51 19.91 -12.48
C ASP B 73 -6.70 20.73 -13.75
N GLY B 74 -6.18 21.94 -13.75
CA GLY B 74 -6.32 22.75 -14.95
C GLY B 74 -7.53 23.64 -14.91
N ASN B 75 -8.24 23.51 -13.82
CA ASN B 75 -9.42 24.28 -13.57
C ASN B 75 -9.27 24.91 -12.18
N ILE B 76 -8.75 24.14 -11.23
CA ILE B 76 -8.54 24.59 -9.87
C ILE B 76 -7.34 23.99 -9.18
N ILE B 77 -6.73 24.81 -8.39
CA ILE B 77 -5.60 24.37 -7.65
C ILE B 77 -6.08 24.14 -6.24
N GLN B 78 -5.68 23.00 -5.69
CA GLN B 78 -6.07 22.62 -4.35
C GLN B 78 -4.90 22.15 -3.52
N GLU B 79 -4.73 22.79 -2.38
CA GLU B 79 -3.67 22.40 -1.49
C GLU B 79 -4.29 21.56 -0.40
N ILE B 80 -3.73 20.38 -0.10
CA ILE B 80 -4.30 19.53 0.94
C ILE B 80 -3.29 18.88 1.81
N THR B 81 -3.45 19.03 3.11
CA THR B 81 -2.51 18.42 4.03
C THR B 81 -2.97 17.05 4.42
N LEU B 82 -2.19 16.02 4.10
CA LEU B 82 -2.56 14.67 4.44
C LEU B 82 -1.84 14.20 5.66
N ASP B 83 -2.62 13.95 6.69
CA ASP B 83 -2.02 13.48 7.91
C ASP B 83 -2.87 12.38 8.50
N SER B 84 -3.45 11.58 7.62
CA SER B 84 -4.27 10.52 8.12
C SER B 84 -4.35 9.38 7.13
N PRO B 85 -3.98 8.19 7.54
CA PRO B 85 -4.04 7.06 6.63
C PRO B 85 -5.40 6.74 6.03
N ALA B 86 -6.47 7.29 6.56
CA ALA B 86 -7.78 6.96 6.02
C ALA B 86 -8.33 7.93 4.99
N VAL B 87 -7.43 8.75 4.50
CA VAL B 87 -7.77 9.69 3.52
C VAL B 87 -6.89 9.46 2.33
N GLY B 88 -7.51 9.42 1.19
CA GLY B 88 -6.82 9.26 -0.06
C GLY B 88 -7.23 10.41 -0.98
N LEU B 89 -6.28 10.90 -1.77
CA LEU B 89 -6.48 11.97 -2.72
C LEU B 89 -6.37 11.35 -4.07
N TYR B 90 -7.34 11.65 -4.92
CA TYR B 90 -7.34 11.12 -6.26
C TYR B 90 -6.76 12.10 -7.23
N VAL B 91 -5.71 11.59 -7.85
CA VAL B 91 -4.91 12.26 -8.84
C VAL B 91 -5.19 11.55 -10.14
N GLY B 92 -6.10 12.15 -10.92
CA GLY B 92 -6.53 11.66 -12.19
C GLY B 92 -5.57 12.08 -13.28
N PRO B 93 -5.84 11.60 -14.47
CA PRO B 93 -5.04 11.90 -15.61
C PRO B 93 -5.14 13.38 -15.91
N ALA B 94 -4.03 13.91 -16.38
CA ALA B 94 -3.96 15.31 -16.70
C ALA B 94 -4.27 16.16 -15.47
N VAL B 95 -3.67 15.75 -14.36
CA VAL B 95 -3.78 16.43 -13.08
C VAL B 95 -2.35 16.61 -12.61
N TRP B 96 -2.01 17.85 -12.30
CA TRP B 96 -0.68 18.17 -11.84
C TRP B 96 -0.62 17.99 -10.32
N HIS B 97 0.50 17.51 -9.81
CA HIS B 97 0.59 17.31 -8.38
C HIS B 97 1.99 17.54 -7.84
N GLU B 98 2.03 17.86 -6.55
CA GLU B 98 3.25 18.11 -5.84
C GLU B 98 3.10 17.75 -4.37
N MET B 99 4.16 17.19 -3.85
CA MET B 99 4.24 16.81 -2.47
C MET B 99 5.29 17.67 -1.84
N HIS B 100 4.88 18.23 -0.71
CA HIS B 100 5.69 19.10 0.09
C HIS B 100 5.47 18.78 1.55
N ASP B 101 6.26 19.46 2.35
CA ASP B 101 6.22 19.38 3.78
C ASP B 101 6.18 18.02 4.38
N PHE B 102 7.01 17.14 3.89
CA PHE B 102 7.00 15.83 4.43
C PHE B 102 7.52 15.83 5.86
N SER B 103 6.74 15.30 6.79
CA SER B 103 7.25 15.23 8.14
C SER B 103 8.42 14.22 8.07
N SER B 104 9.25 14.13 9.09
CA SER B 104 10.35 13.19 9.01
C SER B 104 9.87 11.77 8.96
N ASP B 105 8.98 11.43 9.84
CA ASP B 105 8.48 10.08 9.87
C ASP B 105 7.47 9.87 8.80
N CYS B 106 7.42 10.78 7.86
CA CYS B 106 6.43 10.61 6.82
C CYS B 106 6.62 9.42 5.89
N VAL B 107 5.53 8.64 5.68
CA VAL B 107 5.51 7.49 4.77
C VAL B 107 4.44 7.81 3.78
N MET B 108 4.79 7.93 2.51
CA MET B 108 3.74 8.24 1.56
C MET B 108 3.47 7.11 0.59
N MET B 109 2.20 6.81 0.36
CA MET B 109 1.91 5.75 -0.57
C MET B 109 1.01 6.07 -1.73
N VAL B 110 1.38 5.51 -2.88
CA VAL B 110 0.67 5.69 -4.12
C VAL B 110 0.30 4.38 -4.77
N LEU B 111 -0.95 4.35 -5.20
CA LEU B 111 -1.59 3.27 -5.88
C LEU B 111 -1.81 3.75 -7.27
N ALA B 112 -1.24 3.02 -8.19
CA ALA B 112 -1.31 3.39 -9.56
C ALA B 112 -2.02 2.40 -10.44
N SER B 113 -2.75 2.94 -11.40
CA SER B 113 -3.47 2.09 -12.31
C SER B 113 -2.54 1.48 -13.35
N ASP B 114 -1.29 1.94 -13.38
CA ASP B 114 -0.41 1.38 -14.36
C ASP B 114 1.06 1.39 -13.98
N TYR B 115 1.78 0.52 -14.68
CA TYR B 115 3.21 0.38 -14.47
C TYR B 115 3.91 1.72 -14.65
N TYR B 116 5.09 1.87 -14.05
CA TYR B 116 5.88 3.10 -14.16
C TYR B 116 6.40 3.35 -15.60
N ASP B 117 5.89 4.39 -16.27
CA ASP B 117 6.28 4.78 -17.63
C ASP B 117 6.64 6.27 -17.75
N GLU B 118 7.95 6.49 -17.74
CA GLU B 118 8.55 7.79 -17.81
C GLU B 118 8.01 8.69 -18.88
N THR B 119 7.56 8.08 -19.97
CA THR B 119 7.04 8.76 -21.13
C THR B 119 5.65 9.35 -20.94
N ASP B 120 4.99 9.00 -19.87
CA ASP B 120 3.66 9.51 -19.67
C ASP B 120 3.65 10.82 -18.89
N TYR B 121 4.82 11.13 -18.37
CA TYR B 121 5.12 12.28 -17.55
C TYR B 121 5.49 13.62 -18.20
N ILE B 122 4.67 14.62 -17.85
CA ILE B 122 4.76 16.02 -18.23
C ILE B 122 5.45 16.74 -17.08
N ARG B 123 6.65 17.27 -17.29
CA ARG B 123 7.34 17.92 -16.19
C ARG B 123 7.60 19.42 -16.33
N GLN B 124 6.78 20.03 -17.16
CA GLN B 124 6.78 21.44 -17.48
C GLN B 124 5.33 21.89 -17.25
N TYR B 125 5.18 22.62 -16.17
CA TYR B 125 3.91 23.11 -15.76
C TYR B 125 3.16 23.79 -16.89
N ASP B 126 3.93 24.63 -17.60
CA ASP B 126 3.46 25.40 -18.72
C ASP B 126 2.89 24.49 -19.78
N ASN B 127 3.61 23.42 -20.04
CA ASN B 127 3.18 22.42 -21.00
C ASN B 127 1.93 21.75 -20.48
N PHE B 128 1.92 21.51 -19.18
CA PHE B 128 0.76 20.90 -18.57
C PHE B 128 -0.43 21.77 -18.83
N LYS B 129 -0.23 23.06 -18.59
CA LYS B 129 -1.30 23.97 -18.83
C LYS B 129 -1.80 23.89 -20.28
N LYS B 130 -0.87 23.78 -21.24
CA LYS B 130 -1.24 23.69 -22.65
C LYS B 130 -1.94 22.39 -22.98
N TYR B 131 -1.35 21.30 -22.56
CA TYR B 131 -1.95 20.02 -22.84
C TYR B 131 -3.43 20.06 -22.55
N ILE B 132 -3.79 20.63 -21.39
CA ILE B 132 -5.16 20.79 -20.91
C ILE B 132 -6.01 21.60 -21.87
N ALA B 133 -5.50 22.77 -22.27
CA ALA B 133 -6.22 23.63 -23.20
C ALA B 133 -6.57 22.79 -24.40
N LYS B 134 -5.53 22.24 -24.97
CA LYS B 134 -5.76 21.38 -26.09
C LYS B 134 -6.93 20.48 -25.72
N ILE B 135 -6.80 19.83 -24.57
CA ILE B 135 -7.83 18.96 -24.11
C ILE B 135 -9.19 19.62 -24.17
N ASN B 136 -9.20 20.88 -23.85
CA ASN B 136 -10.41 21.68 -23.87
C ASN B 136 -11.06 21.83 -25.24
N LEU B 137 -10.59 21.07 -26.20
CA LEU B 137 -11.12 21.14 -27.54
C LEU B 137 -11.25 19.73 -28.10
PA TYD C . -10.06 -9.03 10.89
O1A TYD C . -9.78 -10.24 10.08
O2A TYD C . -8.83 -8.56 11.58
O3A TYD C . -11.33 -9.24 11.94
PB TYD C . -11.47 -9.95 13.31
O1B TYD C . -12.66 -10.84 13.33
O2B TYD C . -11.62 -8.92 14.37
O3B TYD C . -10.21 -10.74 13.52
O5' TYD C . -10.88 -7.88 10.13
C5' TYD C . -11.57 -6.90 10.92
C4' TYD C . -12.83 -6.43 10.22
O4' TYD C . -12.50 -5.76 8.99
C3' TYD C . -13.93 -7.45 9.89
O3' TYD C . -15.27 -6.89 9.93
C2' TYD C . -13.55 -7.78 8.45
C1' TYD C . -13.15 -6.41 7.95
N1 TYD C . -12.25 -6.44 6.84
C2 TYD C . -12.77 -5.94 5.68
O2 TYD C . -13.92 -5.54 5.65
N3 TYD C . -11.89 -5.94 4.62
C4 TYD C . -10.57 -6.37 4.65
O4 TYD C . -9.89 -6.31 3.64
C5 TYD C . -10.15 -6.87 5.91
C5M TYD C . -8.73 -7.40 6.12
C6 TYD C . -10.96 -6.89 6.94
PA TYD D . 10.73 9.85 -8.97
O1A TYD D . 9.78 9.34 -9.99
O2A TYD D . 10.06 9.94 -7.66
O3A TYD D . 11.23 11.36 -9.44
PB TYD D . 12.49 11.87 -10.21
O1B TYD D . 12.57 11.24 -11.55
O2B TYD D . 13.71 11.53 -9.44
O3B TYD D . 12.38 13.34 -10.36
O5' TYD D . 12.11 9.04 -8.96
C5' TYD D . 12.47 8.10 -7.96
C4' TYD D . 13.20 6.96 -8.62
O4' TYD D . 12.42 5.75 -8.42
C3' TYD D . 13.42 7.12 -10.14
O3' TYD D . 14.62 6.56 -10.68
C2' TYD D . 12.21 6.38 -10.67
C1' TYD D . 12.03 5.26 -9.67
N1 TYD D . 10.62 4.86 -9.68
C2 TYD D . 10.29 3.66 -10.24
O2 TYD D . 11.11 2.89 -10.72
N3 TYD D . 8.95 3.38 -10.24
C4 TYD D . 7.93 4.17 -9.72
O4 TYD D . 6.77 3.80 -9.78
C5 TYD D . 8.38 5.39 -9.17
C5M TYD D . 7.36 6.36 -8.58
C6 TYD D . 9.66 5.70 -9.15
#